data_6ZWY
#
_entry.id   6ZWY
#
_cell.length_a   77.390
_cell.length_b   116.570
_cell.length_c   61.970
_cell.angle_alpha   90.000
_cell.angle_beta   90.000
_cell.angle_gamma   90.000
#
_symmetry.space_group_name_H-M   'C 2 2 21'
#
loop_
_entity.id
_entity.type
_entity.pdbx_description
1 polymer "Uridine 5'-monophosphate synthase"
2 non-polymer "URIDINE-5'-MONOPHOSPHATE"
3 non-polymer PROLINE
4 non-polymer GLYCEROL
5 water water
#
_entity_poly.entity_id   1
_entity_poly.type   'polypeptide(L)'
_entity_poly.pdbx_seq_one_letter_code
;GAMELSFGARAELPRIHPVASKLLRLMQKKETNLCLSADVSLARELLQLADALGPSICMLKTHVDILNDFTLDVMKELIT
LAK(CSS)HEFLIFEDRKFADIGNTVKKQYEGGIFKIASWADLVNAHVVPGSGVVKGLQEVGLPLHRGCLLIAEMSSTGS
LATGDYTRAAVRMAEEHSEFVVGFISGSRVSMKPEFLHLTPGVQLEAGGDNLGQQYNSPQEVIGKRGSDIIIVGRGIISA
ADRLEAAEMYRKAAWEAYLSRLGV
;
_entity_poly.pdbx_strand_id   A
#
loop_
_chem_comp.id
_chem_comp.type
_chem_comp.name
_chem_comp.formula
GOL non-polymer GLYCEROL 'C3 H8 O3'
U5P non-polymer URIDINE-5'-MONOPHOSPHATE 'C9 H13 N2 O9 P'
#
# COMPACT_ATOMS: atom_id res chain seq x y z
N MET A 3 14.78 6.95 19.35
CA MET A 3 14.03 8.19 18.94
C MET A 3 12.93 7.84 17.92
N GLU A 4 12.37 6.62 18.00
CA GLU A 4 11.22 6.21 17.16
C GLU A 4 9.99 6.97 17.64
N LEU A 5 9.25 7.54 16.69
CA LEU A 5 8.02 8.31 16.94
C LEU A 5 6.81 7.42 16.64
N SER A 6 5.71 7.69 17.35
CA SER A 6 4.39 7.08 17.07
C SER A 6 3.93 7.46 15.66
N PHE A 7 2.97 6.73 15.14
CA PHE A 7 2.34 7.11 13.86
C PHE A 7 1.78 8.52 13.95
N GLY A 8 1.12 8.85 15.06
CA GLY A 8 0.50 10.19 15.23
C GLY A 8 1.55 11.30 15.17
N ALA A 9 2.71 11.09 15.78
CA ALA A 9 3.80 12.08 15.75
C ALA A 9 4.43 12.11 14.34
N ARG A 10 4.59 10.97 13.70
CA ARG A 10 5.17 10.96 12.32
C ARG A 10 4.26 11.75 11.38
N ALA A 11 2.95 11.75 11.63
CA ALA A 11 1.97 12.49 10.80
C ALA A 11 2.27 14.00 10.81
N GLU A 12 3.00 14.49 11.83
N GLU A 12 3.00 14.47 11.83
CA GLU A 12 3.27 15.94 11.98
CA GLU A 12 3.28 15.92 12.05
C GLU A 12 4.70 16.29 11.55
C GLU A 12 4.72 16.27 11.65
N LEU A 13 5.50 15.35 11.08
CA LEU A 13 6.92 15.65 10.73
C LEU A 13 6.97 16.76 9.69
N PRO A 14 7.97 17.66 9.78
CA PRO A 14 8.08 18.78 8.85
C PRO A 14 8.03 18.40 7.36
N ARG A 15 8.69 17.31 7.00
CA ARG A 15 8.84 16.90 5.57
C ARG A 15 7.76 15.88 5.19
N ILE A 16 6.76 15.65 6.04
CA ILE A 16 5.71 14.63 5.73
C ILE A 16 4.94 15.06 4.50
N HIS A 17 4.63 14.10 3.64
CA HIS A 17 3.71 14.31 2.51
C HIS A 17 2.27 14.35 3.04
N PRO A 18 1.38 15.21 2.53
N PRO A 18 1.42 15.26 2.53
CA PRO A 18 0.01 15.27 3.06
CA PRO A 18 0.01 15.32 2.93
C PRO A 18 -0.77 13.94 2.99
C PRO A 18 -0.69 13.95 3.01
N VAL A 19 -0.50 13.10 1.99
CA VAL A 19 -1.20 11.80 1.89
C VAL A 19 -0.68 10.89 3.02
N ALA A 20 0.64 10.88 3.23
CA ALA A 20 1.24 10.11 4.35
C ALA A 20 0.70 10.62 5.68
N SER A 21 0.57 11.93 5.85
CA SER A 21 0.07 12.51 7.11
C SER A 21 -1.37 12.04 7.37
N LYS A 22 -2.23 12.10 6.35
CA LYS A 22 -3.64 11.67 6.47
C LYS A 22 -3.68 10.20 6.90
N LEU A 23 -2.86 9.38 6.26
CA LEU A 23 -2.80 7.94 6.55
C LEU A 23 -2.34 7.71 8.00
N LEU A 24 -1.23 8.32 8.38
CA LEU A 24 -0.65 8.10 9.74
C LEU A 24 -1.64 8.55 10.81
N ARG A 25 -2.36 9.65 10.58
N ARG A 25 -2.36 9.65 10.55
CA ARG A 25 -3.36 10.13 11.57
CA ARG A 25 -3.38 10.20 11.49
C ARG A 25 -4.50 9.12 11.72
C ARG A 25 -4.49 9.17 11.69
N LEU A 26 -5.01 8.57 10.61
CA LEU A 26 -6.15 7.61 10.73
C LEU A 26 -5.65 6.27 11.28
N MET A 27 -4.38 5.90 11.02
CA MET A 27 -3.80 4.68 11.64
C MET A 27 -3.83 4.83 13.17
N GLN A 28 -3.35 5.97 13.65
CA GLN A 28 -3.31 6.25 15.10
C GLN A 28 -4.73 6.30 15.67
N LYS A 29 -5.64 6.99 15.01
CA LYS A 29 -7.03 7.18 15.50
C LYS A 29 -7.73 5.82 15.63
N LYS A 30 -7.58 4.98 14.63
CA LYS A 30 -8.34 3.70 14.51
C LYS A 30 -7.56 2.52 15.09
N GLU A 31 -6.30 2.71 15.49
CA GLU A 31 -5.42 1.62 15.97
C GLU A 31 -5.38 0.51 14.91
N THR A 32 -5.10 0.91 13.69
CA THR A 32 -4.89 -0.07 12.61
C THR A 32 -3.72 0.31 11.71
N ASN A 33 -2.88 -0.68 11.44
CA ASN A 33 -1.80 -0.64 10.44
C ASN A 33 -1.97 -1.83 9.50
N LEU A 34 -3.22 -2.18 9.21
CA LEU A 34 -3.58 -3.26 8.26
C LEU A 34 -4.08 -2.64 6.96
N CYS A 35 -3.50 -3.10 5.85
CA CYS A 35 -3.97 -2.83 4.48
C CYS A 35 -4.61 -4.11 3.95
N LEU A 36 -5.90 -4.06 3.65
CA LEU A 36 -6.59 -5.21 3.02
C LEU A 36 -6.20 -5.25 1.54
N SER A 37 -5.72 -6.39 1.08
CA SER A 37 -5.49 -6.64 -0.36
C SER A 37 -6.77 -7.27 -0.91
N ALA A 38 -7.64 -6.45 -1.47
CA ALA A 38 -9.01 -6.85 -1.86
C ALA A 38 -8.96 -7.54 -3.22
N ASP A 39 -8.35 -8.72 -3.26
CA ASP A 39 -8.03 -9.43 -4.52
C ASP A 39 -9.22 -10.28 -4.94
N VAL A 40 -10.27 -9.61 -5.41
CA VAL A 40 -11.56 -10.22 -5.80
C VAL A 40 -11.89 -9.77 -7.21
N SER A 41 -12.75 -10.51 -7.87
CA SER A 41 -13.12 -10.25 -9.28
C SER A 41 -14.50 -9.59 -9.41
N LEU A 42 -15.27 -9.50 -8.32
N LEU A 42 -15.27 -9.51 -8.32
CA LEU A 42 -16.66 -8.97 -8.32
CA LEU A 42 -16.65 -8.95 -8.33
C LEU A 42 -16.71 -7.64 -7.58
C LEU A 42 -16.67 -7.61 -7.59
N ALA A 43 -17.24 -6.60 -8.23
CA ALA A 43 -17.45 -5.27 -7.62
C ALA A 43 -18.26 -5.42 -6.33
N ARG A 44 -19.30 -6.26 -6.31
CA ARG A 44 -20.16 -6.36 -5.11
C ARG A 44 -19.32 -6.91 -3.95
N GLU A 45 -18.46 -7.89 -4.20
CA GLU A 45 -17.63 -8.45 -3.11
C GLU A 45 -16.62 -7.40 -2.65
N LEU A 46 -16.00 -6.67 -3.58
CA LEU A 46 -15.07 -5.58 -3.23
C LEU A 46 -15.76 -4.59 -2.28
N LEU A 47 -16.96 -4.14 -2.66
CA LEU A 47 -17.66 -3.09 -1.88
C LEU A 47 -18.16 -3.66 -0.56
N GLN A 48 -18.62 -4.91 -0.53
CA GLN A 48 -19.09 -5.51 0.73
C GLN A 48 -17.91 -5.70 1.68
N LEU A 49 -16.74 -6.09 1.17
CA LEU A 49 -15.53 -6.19 2.02
C LEU A 49 -15.13 -4.80 2.51
N ALA A 50 -15.12 -3.81 1.63
CA ALA A 50 -14.69 -2.44 2.00
C ALA A 50 -15.59 -1.90 3.12
N ASP A 51 -16.89 -2.15 3.04
CA ASP A 51 -17.86 -1.63 4.04
C ASP A 51 -17.64 -2.36 5.36
N ALA A 52 -17.60 -3.69 5.35
CA ALA A 52 -17.53 -4.48 6.61
C ALA A 52 -16.17 -4.33 7.27
N LEU A 53 -15.10 -4.30 6.49
CA LEU A 53 -13.71 -4.29 7.04
C LEU A 53 -13.18 -2.87 7.13
N GLY A 54 -13.89 -1.89 6.58
CA GLY A 54 -13.43 -0.49 6.58
C GLY A 54 -12.96 -0.03 7.96
N PRO A 55 -13.75 -0.26 9.04
CA PRO A 55 -13.31 0.17 10.37
C PRO A 55 -12.01 -0.46 10.88
N SER A 56 -11.64 -1.61 10.33
CA SER A 56 -10.48 -2.43 10.77
C SER A 56 -9.21 -2.08 10.00
N ILE A 57 -9.29 -1.29 8.92
CA ILE A 57 -8.14 -1.14 7.98
C ILE A 57 -7.74 0.32 7.88
N CYS A 58 -6.46 0.56 7.58
CA CYS A 58 -5.97 1.91 7.26
C CYS A 58 -6.00 2.15 5.76
N MET A 59 -6.17 1.09 4.97
CA MET A 59 -5.95 1.16 3.52
C MET A 59 -6.59 -0.07 2.89
N LEU A 60 -7.12 0.15 1.70
CA LEU A 60 -7.64 -0.93 0.84
C LEU A 60 -6.83 -0.89 -0.44
N LYS A 61 -6.17 -1.99 -0.74
CA LYS A 61 -5.34 -2.14 -1.94
C LYS A 61 -6.15 -2.85 -3.00
N THR A 62 -6.23 -2.25 -4.17
CA THR A 62 -6.99 -2.78 -5.33
C THR A 62 -6.03 -3.31 -6.41
N HIS A 63 -6.54 -4.26 -7.17
CA HIS A 63 -6.06 -4.57 -8.54
C HIS A 63 -7.27 -4.38 -9.46
N VAL A 64 -7.58 -3.18 -9.92
N VAL A 64 -7.45 -3.15 -9.92
CA VAL A 64 -8.87 -3.01 -10.65
CA VAL A 64 -8.64 -2.73 -10.72
C VAL A 64 -8.80 -3.73 -12.00
C VAL A 64 -8.75 -3.60 -11.99
N ASP A 65 -7.61 -4.07 -12.49
CA ASP A 65 -7.53 -4.82 -13.77
C ASP A 65 -7.94 -6.28 -13.61
N ILE A 66 -8.30 -6.76 -12.41
N ILE A 66 -8.37 -6.68 -12.41
CA ILE A 66 -8.86 -8.13 -12.26
CA ILE A 66 -8.89 -8.05 -12.14
C ILE A 66 -10.36 -8.08 -11.96
C ILE A 66 -10.41 -7.98 -11.96
N LEU A 67 -10.95 -6.88 -11.93
N LEU A 67 -10.99 -6.80 -11.70
CA LEU A 67 -12.38 -6.68 -11.59
CA LEU A 67 -12.46 -6.72 -11.59
C LEU A 67 -13.24 -6.90 -12.85
C LEU A 67 -13.08 -7.07 -12.94
N ASN A 68 -13.99 -8.01 -12.93
CA ASN A 68 -14.71 -8.41 -14.16
C ASN A 68 -15.73 -7.32 -14.54
N ASP A 69 -16.23 -6.59 -13.55
CA ASP A 69 -17.34 -5.62 -13.74
C ASP A 69 -16.89 -4.24 -13.26
N PHE A 70 -15.63 -3.88 -13.50
CA PHE A 70 -15.13 -2.52 -13.26
C PHE A 70 -16.00 -1.50 -14.00
N THR A 71 -16.38 -0.44 -13.29
CA THR A 71 -16.82 0.84 -13.88
C THR A 71 -16.29 1.95 -12.99
N LEU A 72 -16.26 3.17 -13.50
CA LEU A 72 -15.85 4.31 -12.66
C LEU A 72 -16.87 4.52 -11.53
N ASP A 73 -18.13 4.14 -11.73
N ASP A 73 -18.13 4.16 -11.74
CA ASP A 73 -19.17 4.27 -10.68
CA ASP A 73 -19.18 4.24 -10.69
C ASP A 73 -18.87 3.31 -9.51
C ASP A 73 -18.77 3.34 -9.50
N VAL A 74 -18.25 2.16 -9.77
CA VAL A 74 -17.78 1.25 -8.67
C VAL A 74 -16.76 2.01 -7.82
N MET A 75 -15.86 2.74 -8.47
N MET A 75 -15.84 2.72 -8.48
CA MET A 75 -14.78 3.44 -7.71
CA MET A 75 -14.76 3.49 -7.80
C MET A 75 -15.38 4.62 -6.95
C MET A 75 -15.38 4.61 -6.96
N LYS A 76 -16.43 5.26 -7.46
CA LYS A 76 -17.16 6.31 -6.72
C LYS A 76 -17.74 5.71 -5.43
N GLU A 77 -18.33 4.52 -5.53
CA GLU A 77 -18.91 3.83 -4.34
C GLU A 77 -17.79 3.47 -3.37
N LEU A 78 -16.63 3.05 -3.87
CA LEU A 78 -15.49 2.69 -2.99
C LEU A 78 -15.01 3.96 -2.27
N ILE A 79 -14.93 5.09 -2.97
CA ILE A 79 -14.51 6.36 -2.34
C ILE A 79 -15.51 6.72 -1.22
N THR A 80 -16.81 6.55 -1.44
CA THR A 80 -17.81 6.84 -0.39
C THR A 80 -17.46 6.03 0.87
N LEU A 81 -17.12 4.76 0.71
CA LEU A 81 -16.80 3.88 1.86
C LEU A 81 -15.47 4.29 2.48
N ALA A 82 -14.48 4.65 1.67
CA ALA A 82 -13.15 5.10 2.17
C ALA A 82 -13.32 6.36 3.03
N LYS A 83 -14.17 7.28 2.59
CA LYS A 83 -14.42 8.53 3.34
C LYS A 83 -15.18 8.22 4.63
N CSS A 84 -16.18 7.35 4.55
CA CSS A 84 -17.01 7.01 5.69
CB CSS A 84 -18.17 6.15 5.26
SG CSS A 84 -19.13 5.46 6.63
SD CSS A 84 -20.26 7.02 7.26
C CSS A 84 -16.18 6.35 6.79
O CSS A 84 -16.20 6.76 7.95
N HIS A 85 -15.46 5.29 6.41
CA HIS A 85 -14.75 4.46 7.37
C HIS A 85 -13.33 4.97 7.63
N GLU A 86 -12.84 5.91 6.82
CA GLU A 86 -11.50 6.53 6.94
C GLU A 86 -10.42 5.51 6.61
N PHE A 87 -10.24 5.25 5.34
CA PHE A 87 -9.07 4.49 4.85
C PHE A 87 -8.67 5.05 3.49
N LEU A 88 -7.41 4.85 3.13
CA LEU A 88 -6.92 5.26 1.79
C LEU A 88 -7.14 4.14 0.78
N ILE A 89 -7.25 4.52 -0.49
CA ILE A 89 -7.32 3.57 -1.62
C ILE A 89 -5.95 3.55 -2.31
N PHE A 90 -5.39 2.36 -2.43
CA PHE A 90 -4.06 2.12 -3.03
C PHE A 90 -4.26 1.18 -4.22
N GLU A 91 -4.10 1.70 -5.45
CA GLU A 91 -4.14 0.83 -6.65
C GLU A 91 -2.74 0.27 -6.88
N ASP A 92 -2.63 -1.05 -6.81
CA ASP A 92 -1.35 -1.78 -6.91
C ASP A 92 -1.04 -2.04 -8.39
N ARG A 93 -0.84 -0.96 -9.12
CA ARG A 93 -0.68 -0.99 -10.60
C ARG A 93 0.75 -1.36 -10.99
N LYS A 94 1.74 -1.13 -10.13
N LYS A 94 1.72 -1.10 -10.10
CA LYS A 94 3.16 -1.45 -10.46
CA LYS A 94 3.17 -1.38 -10.31
C LYS A 94 3.52 -0.82 -11.81
C LYS A 94 3.62 -0.80 -11.66
N PHE A 95 3.34 0.49 -11.92
CA PHE A 95 3.83 1.22 -13.10
C PHE A 95 5.32 0.89 -13.26
N ALA A 96 5.74 0.63 -14.49
N ALA A 96 5.78 0.58 -14.47
CA ALA A 96 7.06 0.01 -14.72
CA ALA A 96 7.14 0.04 -14.66
C ALA A 96 7.52 0.27 -16.15
C ALA A 96 7.64 0.23 -16.09
N ASP A 97 7.14 1.43 -16.67
N ASP A 97 7.20 1.27 -16.78
CA ASP A 97 7.40 1.79 -18.08
CA ASP A 97 7.76 1.60 -18.11
C ASP A 97 8.16 3.13 -18.08
C ASP A 97 8.32 3.02 -18.07
N ILE A 98 8.56 3.58 -19.26
CA ILE A 98 9.20 4.91 -19.40
C ILE A 98 8.20 5.98 -18.95
N GLY A 99 8.72 7.12 -18.52
CA GLY A 99 7.90 8.22 -17.97
C GLY A 99 6.77 8.62 -18.91
N ASN A 100 7.05 8.73 -20.20
CA ASN A 100 6.04 9.22 -21.15
C ASN A 100 4.83 8.28 -21.20
N THR A 101 5.07 6.98 -21.05
CA THR A 101 3.99 5.98 -21.10
C THR A 101 3.22 5.96 -19.78
N VAL A 102 3.92 5.93 -18.65
CA VAL A 102 3.20 5.74 -17.35
C VAL A 102 2.32 6.95 -17.07
N LYS A 103 2.67 8.15 -17.53
CA LYS A 103 1.80 9.31 -17.26
C LYS A 103 0.42 9.07 -17.88
N LYS A 104 0.38 8.46 -19.08
CA LYS A 104 -0.90 8.19 -19.77
C LYS A 104 -1.62 7.03 -19.10
N GLN A 105 -0.89 6.02 -18.65
CA GLN A 105 -1.48 4.83 -17.97
C GLN A 105 -2.09 5.25 -16.62
N TYR A 106 -1.55 6.29 -16.01
CA TYR A 106 -2.00 6.75 -14.67
C TYR A 106 -3.24 7.62 -14.82
N GLU A 107 -3.25 8.53 -15.78
CA GLU A 107 -4.36 9.52 -15.91
C GLU A 107 -5.51 8.95 -16.72
N GLY A 108 -5.22 8.15 -17.75
CA GLY A 108 -6.17 7.93 -18.84
C GLY A 108 -6.71 6.53 -18.93
N GLY A 109 -7.01 6.15 -20.16
CA GLY A 109 -7.63 4.86 -20.47
C GLY A 109 -8.96 4.71 -19.76
N ILE A 110 -9.42 3.47 -19.66
N ILE A 110 -9.44 3.49 -19.62
CA ILE A 110 -10.72 3.10 -19.05
CA ILE A 110 -10.78 3.24 -19.03
C ILE A 110 -10.67 3.37 -17.54
C ILE A 110 -10.70 3.31 -17.51
N PHE A 111 -9.54 3.10 -16.89
CA PHE A 111 -9.49 3.04 -15.40
C PHE A 111 -9.40 4.43 -14.78
N LYS A 112 -8.80 5.42 -15.45
CA LYS A 112 -8.56 6.77 -14.87
C LYS A 112 -8.08 6.63 -13.42
N ILE A 113 -7.00 5.89 -13.23
CA ILE A 113 -6.52 5.52 -11.86
C ILE A 113 -6.33 6.78 -11.01
N ALA A 114 -5.69 7.82 -11.54
CA ALA A 114 -5.34 9.01 -10.73
C ALA A 114 -6.60 9.67 -10.17
N SER A 115 -7.77 9.49 -10.80
N SER A 115 -7.76 9.51 -10.83
CA SER A 115 -9.03 10.15 -10.39
CA SER A 115 -9.02 10.16 -10.40
C SER A 115 -9.58 9.56 -9.08
C SER A 115 -9.48 9.61 -9.04
N TRP A 116 -9.19 8.35 -8.70
CA TRP A 116 -9.74 7.70 -7.49
C TRP A 116 -8.69 7.11 -6.56
N ALA A 117 -7.45 6.88 -6.98
CA ALA A 117 -6.45 6.23 -6.11
C ALA A 117 -5.67 7.28 -5.34
N ASP A 118 -5.73 7.23 -4.01
CA ASP A 118 -4.88 8.09 -3.16
C ASP A 118 -3.40 7.75 -3.42
N LEU A 119 -3.12 6.45 -3.51
CA LEU A 119 -1.75 5.93 -3.68
C LEU A 119 -1.71 5.01 -4.89
N VAL A 120 -0.58 5.05 -5.56
CA VAL A 120 -0.17 4.03 -6.56
C VAL A 120 1.26 3.62 -6.21
N ASN A 121 1.76 2.63 -6.93
CA ASN A 121 3.16 2.20 -6.76
C ASN A 121 3.83 2.05 -8.13
N ALA A 122 5.15 2.03 -8.07
CA ALA A 122 6.00 1.93 -9.26
C ALA A 122 7.18 1.04 -8.95
N HIS A 123 7.57 0.25 -9.95
CA HIS A 123 8.90 -0.38 -9.98
C HIS A 123 9.94 0.65 -10.37
N VAL A 124 11.14 0.49 -9.83
CA VAL A 124 12.23 1.46 -10.05
C VAL A 124 13.12 1.03 -11.22
N VAL A 125 12.90 -0.16 -11.76
CA VAL A 125 13.78 -0.70 -12.85
C VAL A 125 13.92 0.27 -14.03
N PRO A 126 12.91 1.09 -14.45
CA PRO A 126 13.14 1.97 -15.60
C PRO A 126 14.05 3.16 -15.34
N GLY A 127 14.44 3.38 -14.09
CA GLY A 127 15.09 4.63 -13.68
C GLY A 127 14.06 5.67 -13.30
N SER A 128 14.54 6.84 -12.86
CA SER A 128 13.68 7.84 -12.18
C SER A 128 12.67 8.48 -13.12
N GLY A 129 12.80 8.31 -14.44
CA GLY A 129 11.76 8.78 -15.38
C GLY A 129 10.39 8.20 -15.05
N VAL A 130 10.32 6.99 -14.48
CA VAL A 130 9.00 6.41 -14.14
C VAL A 130 8.32 7.33 -13.10
N VAL A 131 9.07 7.81 -12.13
CA VAL A 131 8.53 8.70 -11.07
C VAL A 131 8.22 10.06 -11.67
N LYS A 132 9.12 10.62 -12.47
N LYS A 132 9.11 10.59 -12.49
CA LYS A 132 8.90 11.93 -13.11
CA LYS A 132 8.93 11.94 -13.12
C LYS A 132 7.61 11.90 -13.93
C LYS A 132 7.68 11.93 -14.00
N GLY A 133 7.39 10.83 -14.71
CA GLY A 133 6.18 10.72 -15.52
C GLY A 133 4.94 10.69 -14.64
N LEU A 134 4.94 9.83 -13.62
CA LEU A 134 3.75 9.74 -12.74
C LEU A 134 3.51 11.08 -12.04
N GLN A 135 4.57 11.75 -11.59
CA GLN A 135 4.39 12.97 -10.77
C GLN A 135 3.77 14.08 -11.64
N GLU A 136 3.93 14.05 -12.97
CA GLU A 136 3.30 15.07 -13.86
C GLU A 136 1.78 15.05 -13.67
N VAL A 137 1.20 13.88 -13.42
CA VAL A 137 -0.25 13.70 -13.18
C VAL A 137 -0.54 13.77 -11.67
N GLY A 138 0.29 13.10 -10.86
CA GLY A 138 0.00 12.89 -9.43
C GLY A 138 0.17 14.15 -8.61
N LEU A 139 1.16 14.98 -8.90
CA LEU A 139 1.41 16.17 -8.05
C LEU A 139 0.21 17.13 -8.17
N PRO A 140 -0.29 17.48 -9.38
CA PRO A 140 -1.46 18.36 -9.45
C PRO A 140 -2.71 17.78 -8.76
N LEU A 141 -2.83 16.45 -8.73
CA LEU A 141 -4.00 15.78 -8.10
C LEU A 141 -3.72 15.43 -6.64
N HIS A 142 -2.61 15.91 -6.09
CA HIS A 142 -2.30 15.78 -4.63
C HIS A 142 -2.23 14.30 -4.25
N ARG A 143 -1.68 13.47 -5.13
CA ARG A 143 -1.59 12.01 -4.90
C ARG A 143 -0.21 11.66 -4.35
N GLY A 144 -0.07 10.41 -3.91
CA GLY A 144 1.23 9.88 -3.49
C GLY A 144 1.58 8.59 -4.20
N CYS A 145 2.85 8.23 -4.11
CA CYS A 145 3.39 7.03 -4.78
C CYS A 145 4.28 6.25 -3.81
N LEU A 146 4.25 4.93 -3.95
CA LEU A 146 5.15 4.02 -3.23
C LEU A 146 6.11 3.41 -4.24
N LEU A 147 7.39 3.30 -3.89
CA LEU A 147 8.36 2.61 -4.75
C LEU A 147 8.61 1.21 -4.24
N ILE A 148 8.69 0.27 -5.18
CA ILE A 148 8.88 -1.16 -4.82
C ILE A 148 10.37 -1.41 -4.63
N ALA A 149 10.78 -1.47 -3.37
CA ALA A 149 12.20 -1.61 -2.98
C ALA A 149 12.57 -3.07 -2.79
N GLU A 150 11.62 -3.91 -2.37
CA GLU A 150 11.80 -5.36 -2.17
C GLU A 150 10.49 -6.03 -2.56
N MET A 151 10.56 -7.30 -2.92
CA MET A 151 9.35 -8.12 -3.19
C MET A 151 9.39 -9.38 -2.33
N SER A 152 8.21 -9.94 -2.09
CA SER A 152 8.02 -11.08 -1.17
C SER A 152 8.29 -12.42 -1.86
N SER A 153 8.40 -12.43 -3.18
CA SER A 153 8.33 -13.67 -3.97
C SER A 153 9.70 -14.31 -4.14
N THR A 154 9.70 -15.62 -4.33
N THR A 154 9.71 -15.64 -4.30
CA THR A 154 10.93 -16.42 -4.49
CA THR A 154 10.93 -16.45 -4.49
C THR A 154 11.68 -15.97 -5.75
C THR A 154 11.68 -15.99 -5.73
N GLY A 155 12.97 -15.69 -5.59
CA GLY A 155 13.84 -15.27 -6.70
C GLY A 155 13.75 -13.79 -6.98
N SER A 156 13.08 -13.01 -6.13
CA SER A 156 13.04 -11.53 -6.28
C SER A 156 14.45 -10.99 -6.56
N LEU A 157 14.55 -10.11 -7.54
CA LEU A 157 15.83 -9.40 -7.86
C LEU A 157 15.86 -8.03 -7.20
N ALA A 158 14.85 -7.68 -6.41
CA ALA A 158 14.78 -6.38 -5.72
C ALA A 158 15.57 -6.49 -4.41
N THR A 159 16.89 -6.60 -4.54
CA THR A 159 17.81 -6.82 -3.40
C THR A 159 19.05 -5.95 -3.59
N GLY A 160 19.85 -5.81 -2.53
CA GLY A 160 21.18 -5.18 -2.60
C GLY A 160 21.11 -3.80 -3.24
N ASP A 161 21.89 -3.58 -4.29
CA ASP A 161 22.02 -2.25 -4.93
C ASP A 161 20.68 -1.82 -5.54
N TYR A 162 19.82 -2.76 -5.93
CA TYR A 162 18.49 -2.42 -6.50
C TYR A 162 17.65 -1.73 -5.42
N THR A 163 17.60 -2.33 -4.24
CA THR A 163 16.87 -1.78 -3.07
C THR A 163 17.45 -0.39 -2.73
N ARG A 164 18.78 -0.27 -2.70
CA ARG A 164 19.44 1.02 -2.39
C ARG A 164 19.04 2.07 -3.44
N ALA A 165 18.95 1.69 -4.71
CA ALA A 165 18.54 2.62 -5.78
C ALA A 165 17.09 3.08 -5.56
N ALA A 166 16.21 2.18 -5.11
CA ALA A 166 14.80 2.55 -4.84
C ALA A 166 14.75 3.59 -3.71
N VAL A 167 15.54 3.39 -2.67
CA VAL A 167 15.54 4.34 -1.52
C VAL A 167 16.05 5.70 -1.99
N ARG A 168 17.14 5.73 -2.76
CA ARG A 168 17.69 7.00 -3.29
C ARG A 168 16.63 7.70 -4.15
N MET A 169 15.95 6.95 -5.01
CA MET A 169 14.94 7.53 -5.92
C MET A 169 13.79 8.13 -5.10
N ALA A 170 13.37 7.44 -4.04
CA ALA A 170 12.28 7.94 -3.16
C ALA A 170 12.72 9.25 -2.49
N GLU A 171 13.93 9.25 -1.95
N GLU A 171 13.91 9.26 -1.90
CA GLU A 171 14.45 10.37 -1.12
CA GLU A 171 14.44 10.44 -1.18
C GLU A 171 14.68 11.60 -2.03
C GLU A 171 14.44 11.65 -2.12
N GLU A 172 14.85 11.41 -3.36
CA GLU A 172 15.05 12.50 -4.36
C GLU A 172 13.72 12.94 -5.00
N HIS A 173 12.61 12.24 -4.74
CA HIS A 173 11.27 12.60 -5.27
C HIS A 173 10.27 12.66 -4.12
N SER A 174 10.67 13.23 -2.99
CA SER A 174 9.87 13.21 -1.74
C SER A 174 8.63 14.09 -1.84
N GLU A 175 8.49 14.94 -2.86
CA GLU A 175 7.23 15.71 -3.08
C GLU A 175 6.10 14.78 -3.51
N PHE A 176 6.42 13.59 -4.01
CA PHE A 176 5.40 12.65 -4.56
C PHE A 176 5.52 11.27 -3.93
N VAL A 177 6.74 10.79 -3.70
CA VAL A 177 6.97 9.44 -3.15
C VAL A 177 6.84 9.50 -1.63
N VAL A 178 5.95 8.69 -1.08
CA VAL A 178 5.62 8.73 0.36
C VAL A 178 6.13 7.47 1.07
N GLY A 179 6.72 6.54 0.33
CA GLY A 179 7.26 5.34 0.99
C GLY A 179 7.47 4.22 0.04
N PHE A 180 7.46 3.02 0.59
CA PHE A 180 7.97 1.82 -0.09
C PHE A 180 7.01 0.66 0.08
N ILE A 181 7.00 -0.19 -0.94
N ILE A 181 6.97 -0.19 -0.95
CA ILE A 181 6.68 -1.63 -0.76
CA ILE A 181 6.66 -1.63 -0.81
C ILE A 181 8.01 -2.31 -0.47
C ILE A 181 7.99 -2.33 -0.48
N SER A 182 8.10 -2.97 0.68
CA SER A 182 9.35 -3.60 1.12
C SER A 182 9.03 -4.71 2.11
N GLY A 183 10.02 -5.53 2.42
CA GLY A 183 9.87 -6.61 3.40
C GLY A 183 10.29 -6.17 4.79
N SER A 184 10.81 -4.96 4.88
N SER A 184 11.07 -5.09 4.85
CA SER A 184 11.51 -4.46 6.08
CA SER A 184 11.72 -4.54 6.07
C SER A 184 11.61 -2.94 5.98
C SER A 184 11.83 -3.03 5.94
N ARG A 185 12.05 -2.32 7.05
CA ARG A 185 12.49 -0.91 7.01
C ARG A 185 13.69 -0.83 6.08
N VAL A 186 13.60 0.00 5.03
CA VAL A 186 14.73 0.20 4.07
C VAL A 186 15.23 1.64 4.14
N SER A 187 14.41 2.59 4.61
CA SER A 187 14.82 4.00 4.80
C SER A 187 14.86 4.30 6.29
N MET A 188 15.88 5.07 6.70
CA MET A 188 16.05 5.57 8.09
C MET A 188 15.25 6.85 8.30
N LYS A 189 14.61 7.38 7.25
CA LYS A 189 13.87 8.67 7.33
C LYS A 189 12.43 8.36 7.75
N PRO A 190 11.95 8.86 8.92
CA PRO A 190 10.64 8.45 9.43
C PRO A 190 9.43 9.01 8.67
N GLU A 191 9.70 9.94 7.74
N GLU A 191 9.62 9.96 7.74
CA GLU A 191 8.70 10.49 6.80
CA GLU A 191 8.47 10.56 6.99
C GLU A 191 8.27 9.42 5.79
C GLU A 191 7.96 9.58 5.93
N PHE A 192 9.05 8.36 5.59
N PHE A 192 8.75 8.54 5.62
CA PHE A 192 8.67 7.33 4.60
CA PHE A 192 8.44 7.49 4.62
C PHE A 192 7.94 6.19 5.31
C PHE A 192 7.60 6.38 5.28
N LEU A 193 6.83 5.80 4.67
N LEU A 193 6.60 5.83 4.58
CA LEU A 193 6.01 4.62 5.03
CA LEU A 193 5.89 4.60 5.04
C LEU A 193 6.67 3.36 4.49
C LEU A 193 6.58 3.36 4.48
N HIS A 194 6.58 2.27 5.25
CA HIS A 194 6.98 0.93 4.79
C HIS A 194 5.74 0.02 4.82
N LEU A 195 5.34 -0.47 3.66
CA LEU A 195 4.19 -1.40 3.53
C LEU A 195 4.73 -2.75 3.08
N THR A 196 4.30 -3.80 3.75
CA THR A 196 4.87 -5.15 3.54
C THR A 196 3.78 -6.15 3.18
N PRO A 197 3.79 -6.66 1.93
CA PRO A 197 2.98 -7.79 1.53
C PRO A 197 3.73 -9.10 1.81
N GLY A 198 3.09 -10.23 1.51
CA GLY A 198 3.63 -11.54 1.87
C GLY A 198 3.47 -11.80 3.37
N VAL A 199 2.26 -11.56 3.87
CA VAL A 199 1.98 -11.66 5.33
C VAL A 199 0.84 -12.65 5.57
N GLN A 200 1.08 -13.60 6.47
N GLN A 200 1.08 -13.63 6.43
CA GLN A 200 0.02 -14.47 7.03
CA GLN A 200 0.05 -14.55 6.97
C GLN A 200 0.41 -14.82 8.46
C GLN A 200 0.42 -14.90 8.42
N LEU A 201 -0.58 -15.22 9.24
CA LEU A 201 -0.32 -15.66 10.63
C LEU A 201 0.44 -16.99 10.63
N GLU A 202 0.11 -17.88 9.70
CA GLU A 202 0.76 -19.21 9.60
C GLU A 202 1.92 -19.15 8.61
N ALA A 203 2.91 -20.00 8.81
CA ALA A 203 4.07 -20.13 7.90
C ALA A 203 3.60 -20.73 6.57
N GLY A 204 4.35 -20.40 5.52
CA GLY A 204 4.25 -21.08 4.22
C GLY A 204 4.30 -20.11 3.08
N GLY A 205 3.51 -20.37 2.05
CA GLY A 205 3.59 -19.67 0.77
C GLY A 205 2.49 -20.13 -0.14
N ASP A 206 2.63 -19.86 -1.42
CA ASP A 206 1.70 -20.45 -2.43
C ASP A 206 2.55 -21.25 -3.42
N ASN A 207 1.90 -21.75 -4.46
CA ASN A 207 2.53 -22.63 -5.47
C ASN A 207 3.08 -21.81 -6.65
N LEU A 208 3.07 -20.48 -6.54
CA LEU A 208 3.58 -19.59 -7.61
C LEU A 208 4.52 -18.54 -6.99
N GLY A 209 5.33 -18.95 -6.02
CA GLY A 209 6.47 -18.15 -5.54
C GLY A 209 6.14 -17.19 -4.40
N GLN A 210 4.89 -17.08 -3.95
CA GLN A 210 4.60 -16.23 -2.77
C GLN A 210 5.24 -16.88 -1.54
N GLN A 211 5.79 -16.05 -0.67
CA GLN A 211 6.36 -16.47 0.62
C GLN A 211 5.75 -15.62 1.72
N TYR A 212 5.37 -16.24 2.83
CA TYR A 212 4.72 -15.51 3.95
C TYR A 212 5.65 -15.37 5.15
N ASN A 213 5.52 -14.22 5.79
CA ASN A 213 6.07 -13.95 7.15
C ASN A 213 4.93 -13.41 8.01
N SER A 214 5.10 -13.50 9.32
CA SER A 214 4.02 -13.11 10.26
C SER A 214 4.02 -11.61 10.49
N PRO A 215 2.88 -11.04 10.93
CA PRO A 215 2.85 -9.65 11.34
C PRO A 215 3.92 -9.32 12.41
N GLN A 216 4.10 -10.21 13.38
CA GLN A 216 5.10 -9.95 14.45
C GLN A 216 6.48 -9.84 13.82
N GLU A 217 6.82 -10.72 12.88
CA GLU A 217 8.15 -10.69 12.22
C GLU A 217 8.31 -9.38 11.43
N VAL A 218 7.34 -9.01 10.59
N VAL A 218 7.31 -9.08 10.62
CA VAL A 218 7.61 -7.91 9.63
CA VAL A 218 7.35 -7.98 9.62
C VAL A 218 7.42 -6.54 10.32
C VAL A 218 7.40 -6.62 10.32
N ILE A 219 6.48 -6.40 11.25
CA ILE A 219 6.30 -5.10 11.96
C ILE A 219 7.29 -5.03 13.11
N GLY A 220 7.35 -6.09 13.93
CA GLY A 220 8.12 -6.09 15.18
C GLY A 220 9.62 -6.19 14.94
N LYS A 221 10.08 -7.21 14.21
CA LYS A 221 11.52 -7.51 14.02
C LYS A 221 12.07 -6.74 12.82
N ARG A 222 11.33 -6.65 11.71
CA ARG A 222 11.86 -6.09 10.44
C ARG A 222 11.55 -4.58 10.33
N GLY A 223 10.73 -4.04 11.23
CA GLY A 223 10.55 -2.58 11.39
C GLY A 223 9.65 -1.95 10.34
N SER A 224 8.81 -2.72 9.67
N SER A 224 8.81 -2.73 9.65
CA SER A 224 7.85 -2.17 8.69
CA SER A 224 7.82 -2.20 8.68
C SER A 224 6.69 -1.48 9.43
C SER A 224 6.67 -1.52 9.42
N ASP A 225 5.89 -0.70 8.72
CA ASP A 225 4.78 0.06 9.32
C ASP A 225 3.44 -0.64 9.15
N ILE A 226 3.18 -1.17 7.96
CA ILE A 226 1.83 -1.63 7.55
C ILE A 226 1.97 -3.02 6.95
N ILE A 227 1.06 -3.92 7.31
CA ILE A 227 0.97 -5.24 6.64
C ILE A 227 -0.08 -5.18 5.55
N ILE A 228 0.24 -5.79 4.42
CA ILE A 228 -0.71 -5.97 3.29
C ILE A 228 -1.11 -7.44 3.29
N VAL A 229 -2.39 -7.72 3.46
CA VAL A 229 -2.89 -9.11 3.60
C VAL A 229 -4.02 -9.34 2.60
N GLY A 230 -3.84 -10.34 1.74
CA GLY A 230 -4.89 -10.80 0.81
C GLY A 230 -5.53 -12.07 1.30
N ARG A 231 -5.07 -13.20 0.80
CA ARG A 231 -5.71 -14.52 1.03
C ARG A 231 -5.84 -14.86 2.53
N GLY A 232 -4.93 -14.42 3.39
CA GLY A 232 -5.06 -14.69 4.83
C GLY A 232 -6.38 -14.19 5.37
N ILE A 233 -6.91 -13.12 4.78
CA ILE A 233 -8.27 -12.60 5.08
C ILE A 233 -9.30 -13.11 4.08
N ILE A 234 -9.04 -12.91 2.78
N ILE A 234 -9.11 -12.91 2.77
CA ILE A 234 -10.07 -13.06 1.72
CA ILE A 234 -10.25 -13.08 1.82
C ILE A 234 -10.56 -14.52 1.66
C ILE A 234 -10.57 -14.55 1.58
N SER A 235 -9.67 -15.49 1.89
CA SER A 235 -10.02 -16.94 1.78
C SER A 235 -10.66 -17.46 3.07
N ALA A 236 -10.59 -16.70 4.16
CA ALA A 236 -11.21 -17.10 5.44
C ALA A 236 -12.73 -17.04 5.31
N ALA A 237 -13.45 -17.83 6.09
CA ALA A 237 -14.92 -17.77 6.08
C ALA A 237 -15.38 -16.42 6.60
N ASP A 238 -14.96 -16.07 7.82
CA ASP A 238 -15.33 -14.79 8.46
C ASP A 238 -14.20 -13.80 8.23
N ARG A 239 -14.35 -12.99 7.17
N ARG A 239 -14.35 -12.93 7.23
CA ARG A 239 -13.30 -12.02 6.76
CA ARG A 239 -13.23 -12.03 6.84
C ARG A 239 -13.19 -10.90 7.80
C ARG A 239 -13.19 -10.83 7.78
N LEU A 240 -14.27 -10.55 8.51
CA LEU A 240 -14.21 -9.48 9.52
C LEU A 240 -13.34 -9.96 10.69
N GLU A 241 -13.62 -11.15 11.22
CA GLU A 241 -12.80 -11.67 12.33
C GLU A 241 -11.36 -11.85 11.85
N ALA A 242 -11.14 -12.34 10.63
CA ALA A 242 -9.76 -12.50 10.13
C ALA A 242 -9.08 -11.13 10.11
N ALA A 243 -9.75 -10.11 9.59
CA ALA A 243 -9.16 -8.75 9.52
C ALA A 243 -8.82 -8.28 10.95
N GLU A 244 -9.71 -8.54 11.91
CA GLU A 244 -9.46 -8.11 13.30
C GLU A 244 -8.23 -8.83 13.88
N MET A 245 -8.05 -10.11 13.57
N MET A 245 -8.08 -10.13 13.58
CA MET A 245 -6.86 -10.85 14.06
CA MET A 245 -6.88 -10.90 14.01
C MET A 245 -5.58 -10.26 13.45
C MET A 245 -5.62 -10.21 13.46
N TYR A 246 -5.60 -9.92 12.16
CA TYR A 246 -4.42 -9.30 11.52
C TYR A 246 -4.20 -7.89 12.07
N ARG A 247 -5.26 -7.13 12.28
CA ARG A 247 -5.13 -5.75 12.81
C ARG A 247 -4.49 -5.81 14.20
N LYS A 248 -5.00 -6.68 15.06
CA LYS A 248 -4.49 -6.75 16.45
C LYS A 248 -3.04 -7.20 16.44
N ALA A 249 -2.70 -8.16 15.57
CA ALA A 249 -1.32 -8.64 15.46
C ALA A 249 -0.39 -7.50 15.05
N ALA A 250 -0.72 -6.80 13.97
CA ALA A 250 0.15 -5.73 13.45
C ALA A 250 0.22 -4.57 14.45
N TRP A 251 -0.89 -4.25 15.10
CA TRP A 251 -0.92 -3.08 16.00
C TRP A 251 -0.06 -3.35 17.23
N GLU A 252 -0.21 -4.53 17.83
CA GLU A 252 0.56 -4.88 19.04
C GLU A 252 2.05 -4.97 18.70
N ALA A 253 2.41 -5.51 17.53
CA ALA A 253 3.82 -5.60 17.13
C ALA A 253 4.40 -4.18 17.04
N TYR A 254 3.63 -3.24 16.50
CA TYR A 254 4.03 -1.82 16.41
C TYR A 254 4.21 -1.24 17.81
N LEU A 255 3.23 -1.45 18.70
CA LEU A 255 3.31 -0.87 20.07
C LEU A 255 4.54 -1.42 20.80
N SER A 256 4.80 -2.71 20.66
CA SER A 256 5.91 -3.39 21.37
C SER A 256 7.26 -2.83 20.89
N ARG A 257 7.39 -2.58 19.60
CA ARG A 257 8.64 -2.04 18.99
C ARG A 257 8.83 -0.60 19.46
N LEU A 258 7.75 0.18 19.53
CA LEU A 258 7.76 1.61 19.93
C LEU A 258 8.20 1.74 21.40
N GLY A 259 7.75 0.83 22.27
CA GLY A 259 8.15 0.77 23.69
C GLY A 259 7.81 2.05 24.43
N1 U5P B . 2.22 -8.14 -3.66
C2 U5P B . 2.88 -9.22 -3.12
N3 U5P B . 4.24 -9.13 -3.06
C4 U5P B . 5.01 -8.06 -3.45
C5 U5P B . 4.28 -6.97 -4.00
C6 U5P B . 2.93 -7.03 -4.07
O2 U5P B . 2.30 -10.21 -2.72
O4 U5P B . 6.23 -8.11 -3.30
C1' U5P B . 0.73 -8.12 -3.73
C2' U5P B . 0.10 -9.23 -4.58
O2' U5P B . -0.10 -8.81 -5.91
C3' U5P B . -1.24 -9.44 -3.88
C4' U5P B . -0.88 -9.18 -2.41
O3' U5P B . -2.23 -8.55 -4.38
O4' U5P B . 0.21 -8.25 -2.42
C5' U5P B . -0.49 -10.42 -1.64
O5' U5P B . -1.65 -11.22 -1.54
P U5P B . -1.68 -12.51 -0.61
O1P U5P B . -1.68 -12.02 0.83
O2P U5P B . -3.01 -13.13 -1.00
O3P U5P B . -0.51 -13.41 -0.95
N PRO C . 5.67 -17.82 12.27
CA PRO C . 6.08 -18.99 13.07
C PRO C . 7.19 -19.76 12.42
O PRO C . 7.65 -19.34 11.34
CB PRO C . 4.86 -19.89 13.24
CG PRO C . 3.67 -19.06 12.82
CD PRO C . 4.23 -17.95 11.94
OXT PRO C . 7.62 -20.78 12.99
C1 GOL D . -29.36 -7.34 -7.26
C1 GOL D . -29.15 -7.06 -7.33
O1 GOL D . -28.37 -6.88 -8.17
O1 GOL D . -30.43 -7.55 -7.68
C2 GOL D . -28.81 -7.43 -5.84
C2 GOL D . -28.77 -7.41 -5.91
O2 GOL D . -29.90 -7.52 -4.92
O2 GOL D . -29.93 -7.73 -5.14
C3 GOL D . -27.88 -8.61 -5.65
C3 GOL D . -27.80 -8.58 -5.83
O3 GOL D . -28.60 -9.83 -5.44
O3 GOL D . -28.45 -9.80 -6.18
C1 GOL E . -6.18 -18.38 7.89
O1 GOL E . -7.30 -17.85 7.19
C2 GOL E . -4.92 -17.55 7.66
O2 GOL E . -5.19 -16.17 7.95
C3 GOL E . -3.76 -18.05 8.48
O3 GOL E . -2.52 -17.43 8.12
#